data_8BI2
#
_entry.id   8BI2
#
_cell.length_a   39.990
_cell.length_b   84.985
_cell.length_c   90.125
_cell.angle_alpha   90.00
_cell.angle_beta   90.00
_cell.angle_gamma   90.00
#
_symmetry.space_group_name_H-M   'P 21 21 21'
#
loop_
_entity.id
_entity.type
_entity.pdbx_description
1 polymer 'Tyrosine-protein kinase SYK'
2 non-polymer 10,13,23-trimethyl-16-oxa-2,4,8,9,13,19,23,30-octazapentacyclo[19.5.2.1^{3,7}.1^{8,11}.0^{24,28}]triaconta-1(27),3,5,7(30),9,11(29),21,24(28),25-nonaen-20-one
3 water water
#
_entity_poly.entity_id   1
_entity_poly.type   'polypeptide(L)'
_entity_poly.pdbx_seq_one_letter_code
;MDTEVYESPYADPEEIRPKEVYLDRKLLTLEDKELGSGNFGTVKKGYYQMKKVVKTVAVKILKNEANDPALKDELLAEAN
VMQQLDNPYIVRMIGICEAESWMLVMEMAELGPLNKYLQQNRHVKDKNIIELVHQVSMGMKYLEESNFVHRDLAARNVLL
VTQHYAKISDFGLSKALRADENYYKAQTHGKWPVKWYAPECINYYKFSSKSDVWSFGVLMWEAFSYGQKPYRGMKGSEVT
AMLEKGERMGCPAGCPREMYDLMNLCWTYDVENRPGFAAVELRLRNYYYDVVNHHHHHH
;
_entity_poly.pdbx_strand_id   A
#
# COMPACT_ATOMS: atom_id res chain seq x y z
N VAL A 21 23.31 -4.14 1.81
CA VAL A 21 22.55 -4.64 0.66
C VAL A 21 22.57 -6.17 0.61
N TYR A 22 23.75 -6.81 0.41
CA TYR A 22 23.83 -8.26 0.38
C TYR A 22 24.12 -8.82 1.75
N LEU A 23 23.14 -9.50 2.33
CA LEU A 23 23.20 -10.04 3.68
C LEU A 23 23.92 -11.37 3.79
N ASP A 24 24.39 -11.68 5.00
CA ASP A 24 25.12 -12.91 5.31
C ASP A 24 24.10 -13.96 5.76
N ARG A 25 23.93 -15.05 4.99
CA ARG A 25 22.95 -16.10 5.31
C ARG A 25 23.20 -16.74 6.67
N LYS A 26 24.46 -16.78 7.13
CA LYS A 26 24.81 -17.31 8.45
C LYS A 26 24.18 -16.48 9.59
N LEU A 27 23.88 -15.19 9.33
CA LEU A 27 23.29 -14.31 10.33
C LEU A 27 21.75 -14.30 10.30
N LEU A 28 21.13 -14.99 9.35
CA LEU A 28 19.69 -15.04 9.24
C LEU A 28 19.18 -16.37 9.76
N THR A 29 18.16 -16.34 10.64
CA THR A 29 17.53 -17.55 11.14
C THR A 29 16.06 -17.47 10.73
N LEU A 30 15.58 -18.41 9.92
CA LEU A 30 14.20 -18.41 9.47
C LEU A 30 13.34 -19.35 10.28
N GLU A 31 12.08 -18.97 10.53
CA GLU A 31 11.10 -19.81 11.20
C GLU A 31 10.58 -20.82 10.14
N ASP A 32 10.15 -22.01 10.57
CA ASP A 32 9.65 -23.04 9.64
C ASP A 32 8.27 -22.69 9.07
N LYS A 33 7.30 -22.36 9.93
CA LYS A 33 5.94 -22.07 9.49
C LYS A 33 5.87 -20.68 8.87
N GLU A 34 5.33 -20.60 7.65
CA GLU A 34 5.21 -19.33 6.97
C GLU A 34 4.08 -18.45 7.52
N LEU A 35 4.23 -17.13 7.40
CA LEU A 35 3.22 -16.15 7.81
C LEU A 35 2.09 -16.06 6.76
N GLY A 36 2.47 -16.18 5.50
CA GLY A 36 1.58 -16.11 4.37
C GLY A 36 2.24 -16.59 3.10
N SER A 37 1.44 -16.78 2.07
CA SER A 37 1.93 -17.26 0.79
C SER A 37 1.19 -16.57 -0.37
N GLY A 38 1.74 -16.74 -1.56
CA GLY A 38 1.20 -16.22 -2.80
C GLY A 38 1.85 -16.90 -4.00
N ASN A 39 1.61 -16.38 -5.22
CA ASN A 39 2.23 -16.97 -6.41
C ASN A 39 3.75 -16.72 -6.46
N PHE A 40 4.22 -15.63 -5.82
CA PHE A 40 5.64 -15.28 -5.73
C PHE A 40 6.41 -16.32 -4.91
N GLY A 41 5.78 -16.81 -3.85
CA GLY A 41 6.35 -17.75 -2.92
C GLY A 41 5.77 -17.56 -1.53
N THR A 42 6.63 -17.36 -0.55
CA THR A 42 6.23 -17.28 0.85
C THR A 42 6.77 -16.06 1.57
N VAL A 43 6.14 -15.72 2.70
CA VAL A 43 6.61 -14.67 3.59
C VAL A 43 6.85 -15.38 4.92
N LYS A 44 8.08 -15.37 5.43
CA LYS A 44 8.39 -16.03 6.69
C LYS A 44 8.97 -15.06 7.70
N LYS A 45 8.80 -15.35 8.96
CA LYS A 45 9.41 -14.57 10.02
C LYS A 45 10.84 -15.07 10.20
N GLY A 46 11.75 -14.14 10.47
CA GLY A 46 13.14 -14.47 10.72
C GLY A 46 13.78 -13.55 11.73
N TYR A 47 15.07 -13.79 11.98
CA TYR A 47 15.86 -13.03 12.94
C TYR A 47 17.21 -12.78 12.29
N TYR A 48 17.66 -11.53 12.25
CA TYR A 48 18.95 -11.17 11.68
C TYR A 48 19.87 -10.65 12.76
N GLN A 49 21.01 -11.32 12.95
CA GLN A 49 21.98 -10.95 13.96
C GLN A 49 22.72 -9.66 13.63
N MET A 50 22.54 -8.62 14.45
CA MET A 50 23.25 -7.37 14.26
C MET A 50 24.55 -7.32 15.10
N LYS A 51 25.29 -6.18 15.05
CA LYS A 51 26.53 -6.01 15.81
C LYS A 51 26.39 -6.35 17.29
N LYS A 52 25.15 -6.32 17.83
CA LYS A 52 24.88 -6.56 19.23
C LYS A 52 23.44 -7.15 19.42
N VAL A 53 22.40 -6.46 18.97
CA VAL A 53 21.02 -6.93 19.11
C VAL A 53 20.63 -7.90 17.96
N VAL A 54 19.49 -8.56 18.09
CA VAL A 54 18.88 -9.37 17.04
C VAL A 54 17.76 -8.49 16.46
N LYS A 55 17.55 -8.57 15.14
CA LYS A 55 16.46 -7.81 14.54
C LYS A 55 15.42 -8.76 13.96
N THR A 56 14.15 -8.64 14.38
CA THR A 56 13.09 -9.48 13.84
C THR A 56 12.78 -9.00 12.46
N VAL A 57 12.72 -9.92 11.50
CA VAL A 57 12.49 -9.57 10.13
C VAL A 57 11.37 -10.36 9.49
N ALA A 58 10.82 -9.83 8.39
CA ALA A 58 9.85 -10.52 7.55
C ALA A 58 10.64 -10.77 6.28
N VAL A 59 10.61 -11.99 5.78
CA VAL A 59 11.40 -12.36 4.62
C VAL A 59 10.54 -12.87 3.49
N LYS A 60 10.60 -12.20 2.35
CA LYS A 60 9.87 -12.62 1.16
C LYS A 60 10.78 -13.57 0.42
N ILE A 61 10.38 -14.83 0.32
CA ILE A 61 11.20 -15.87 -0.29
C ILE A 61 10.59 -16.32 -1.62
N LEU A 62 11.37 -16.27 -2.70
CA LEU A 62 10.91 -16.74 -4.01
C LEU A 62 10.93 -18.26 -4.09
N LEU A 71 11.16 -13.78 -12.26
CA LEU A 71 10.92 -13.72 -10.82
C LEU A 71 12.08 -13.07 -10.08
N LYS A 72 13.33 -13.53 -10.33
CA LYS A 72 14.54 -12.98 -9.70
C LYS A 72 14.74 -11.51 -10.05
N ASP A 73 14.59 -11.16 -11.33
CA ASP A 73 14.75 -9.78 -11.77
C ASP A 73 13.71 -8.88 -11.11
N GLU A 74 12.48 -9.37 -10.95
CA GLU A 74 11.41 -8.62 -10.32
C GLU A 74 11.71 -8.43 -8.82
N LEU A 75 12.23 -9.47 -8.14
CA LEU A 75 12.56 -9.30 -6.71
C LEU A 75 13.72 -8.31 -6.57
N LEU A 76 14.72 -8.36 -7.46
CA LEU A 76 15.85 -7.43 -7.39
C LEU A 76 15.39 -5.99 -7.66
N ALA A 77 14.44 -5.81 -8.59
CA ALA A 77 13.92 -4.47 -8.89
C ALA A 77 13.12 -3.93 -7.70
N GLU A 78 12.35 -4.79 -7.04
CA GLU A 78 11.59 -4.43 -5.85
C GLU A 78 12.55 -3.99 -4.74
N ALA A 79 13.66 -4.73 -4.57
CA ALA A 79 14.66 -4.42 -3.56
C ALA A 79 15.33 -3.07 -3.85
N ASN A 80 15.62 -2.81 -5.12
CA ASN A 80 16.24 -1.57 -5.59
C ASN A 80 15.32 -0.37 -5.29
N VAL A 81 14.01 -0.53 -5.46
CA VAL A 81 13.07 0.54 -5.11
C VAL A 81 13.13 0.79 -3.60
N MET A 82 12.99 -0.28 -2.79
CA MET A 82 12.97 -0.15 -1.32
C MET A 82 14.24 0.44 -0.73
N GLN A 83 15.38 0.16 -1.33
CA GLN A 83 16.67 0.71 -0.86
C GLN A 83 16.73 2.23 -1.00
N GLN A 84 16.00 2.80 -1.96
CA GLN A 84 16.01 4.24 -2.20
C GLN A 84 15.08 5.03 -1.29
N LEU A 85 14.14 4.34 -0.62
CA LEU A 85 13.13 4.97 0.21
C LEU A 85 13.48 5.04 1.67
N ASP A 86 13.14 6.15 2.30
CA ASP A 86 13.46 6.40 3.69
C ASP A 86 12.35 7.21 4.33
N ASN A 87 11.34 6.55 4.91
CA ASN A 87 10.21 7.24 5.51
C ASN A 87 9.57 6.36 6.59
N PRO A 88 9.14 6.97 7.71
CA PRO A 88 8.56 6.16 8.80
C PRO A 88 7.33 5.34 8.44
N TYR A 89 6.63 5.72 7.36
CA TYR A 89 5.40 5.05 6.95
C TYR A 89 5.60 4.14 5.74
N ILE A 90 6.86 3.71 5.48
CA ILE A 90 7.18 2.76 4.42
C ILE A 90 8.02 1.65 5.05
N VAL A 91 7.75 0.39 4.67
CA VAL A 91 8.51 -0.76 5.17
C VAL A 91 9.99 -0.62 4.74
N ARG A 92 10.90 -0.75 5.70
CA ARG A 92 12.34 -0.65 5.47
C ARG A 92 12.92 -2.00 5.07
N MET A 93 13.72 -2.01 4.03
CA MET A 93 14.40 -3.23 3.62
C MET A 93 15.75 -3.28 4.35
N ILE A 94 16.10 -4.44 4.93
CA ILE A 94 17.40 -4.67 5.56
C ILE A 94 18.39 -5.05 4.45
N GLY A 95 17.98 -5.94 3.55
CA GLY A 95 18.80 -6.32 2.42
C GLY A 95 18.25 -7.53 1.69
N ILE A 96 19.06 -8.09 0.79
CA ILE A 96 18.71 -9.27 0.03
C ILE A 96 19.73 -10.36 0.34
N CYS A 97 19.31 -11.61 0.18
CA CYS A 97 20.20 -12.74 0.42
C CYS A 97 20.00 -13.77 -0.68
N GLU A 98 21.08 -14.27 -1.29
CA GLU A 98 20.98 -15.29 -2.33
C GLU A 98 21.48 -16.59 -1.72
N ALA A 99 20.54 -17.44 -1.30
CA ALA A 99 20.89 -18.68 -0.64
C ALA A 99 20.04 -19.87 -1.26
N GLU A 100 19.28 -20.74 -0.52
CA GLU A 100 18.47 -21.81 -1.13
C GLU A 100 17.51 -21.25 -2.17
N SER A 101 17.00 -20.04 -1.93
CA SER A 101 16.15 -19.27 -2.81
C SER A 101 16.58 -17.76 -2.69
N TRP A 102 16.04 -16.90 -3.54
CA TRP A 102 16.30 -15.46 -3.45
C TRP A 102 15.40 -14.92 -2.36
N MET A 103 15.94 -14.11 -1.43
CA MET A 103 15.19 -13.60 -0.28
C MET A 103 15.28 -12.08 -0.14
N LEU A 104 14.15 -11.44 0.14
CA LEU A 104 14.11 -10.00 0.39
C LEU A 104 13.80 -9.85 1.89
N VAL A 105 14.78 -9.36 2.66
CA VAL A 105 14.67 -9.23 4.13
C VAL A 105 14.26 -7.82 4.53
N MET A 106 13.14 -7.72 5.25
CA MET A 106 12.57 -6.43 5.65
C MET A 106 12.39 -6.34 7.16
N GLU A 107 12.25 -5.11 7.68
CA GLU A 107 11.94 -4.90 9.11
C GLU A 107 10.53 -5.49 9.34
N MET A 108 10.32 -6.22 10.43
CA MET A 108 9.02 -6.84 10.67
C MET A 108 7.94 -5.85 11.16
N ALA A 109 6.75 -5.94 10.56
CA ALA A 109 5.57 -5.22 11.03
C ALA A 109 4.70 -6.38 11.56
N GLU A 110 4.74 -6.62 12.86
CA GLU A 110 4.20 -7.78 13.52
C GLU A 110 2.74 -8.06 13.34
N LEU A 111 1.91 -7.00 13.21
CA LEU A 111 0.45 -7.24 13.17
C LEU A 111 -0.08 -7.61 11.81
N GLY A 112 0.75 -7.57 10.78
CA GLY A 112 0.35 -8.01 9.45
C GLY A 112 -0.52 -7.08 8.62
N PRO A 113 -1.06 -7.61 7.52
CA PRO A 113 -1.88 -6.78 6.61
C PRO A 113 -3.09 -6.13 7.24
N LEU A 114 -3.31 -4.87 6.88
CA LEU A 114 -4.38 -4.04 7.41
C LEU A 114 -5.77 -4.64 7.15
N ASN A 115 -6.02 -5.14 5.94
CA ASN A 115 -7.35 -5.72 5.63
C ASN A 115 -7.69 -6.90 6.55
N LYS A 116 -6.74 -7.83 6.74
CA LYS A 116 -6.95 -8.99 7.60
C LYS A 116 -7.09 -8.58 9.05
N TYR A 117 -6.27 -7.60 9.49
CA TYR A 117 -6.34 -7.13 10.87
C TYR A 117 -7.75 -6.55 11.16
N LEU A 118 -8.29 -5.71 10.24
CA LEU A 118 -9.60 -5.12 10.47
C LEU A 118 -10.71 -6.15 10.37
N GLN A 119 -10.56 -7.17 9.49
CA GLN A 119 -11.57 -8.26 9.43
C GLN A 119 -11.68 -8.99 10.78
N GLN A 120 -10.53 -9.16 11.46
CA GLN A 120 -10.44 -9.86 12.74
C GLN A 120 -10.67 -8.98 13.96
N ASN A 121 -10.73 -7.65 13.79
CA ASN A 121 -10.86 -6.68 14.88
C ASN A 121 -11.86 -5.64 14.44
N ARG A 122 -13.12 -6.06 14.35
CA ARG A 122 -14.21 -5.23 13.82
C ARG A 122 -14.70 -4.12 14.76
N HIS A 123 -14.15 -4.02 15.96
CA HIS A 123 -14.51 -2.97 16.91
C HIS A 123 -13.43 -1.87 17.02
N VAL A 124 -12.46 -1.81 16.07
CA VAL A 124 -11.44 -0.74 16.01
C VAL A 124 -12.22 0.57 15.75
N LYS A 125 -11.96 1.61 16.55
CA LYS A 125 -12.73 2.85 16.46
C LYS A 125 -12.47 3.62 15.19
N ASP A 126 -13.47 4.42 14.80
CA ASP A 126 -13.35 5.26 13.62
C ASP A 126 -12.13 6.22 13.69
N LYS A 127 -11.86 6.81 14.86
CA LYS A 127 -10.70 7.69 15.02
C LYS A 127 -9.39 6.96 14.69
N ASN A 128 -9.31 5.69 15.08
CA ASN A 128 -8.14 4.86 14.87
C ASN A 128 -7.98 4.53 13.37
N ILE A 129 -9.11 4.34 12.67
CA ILE A 129 -9.03 4.10 11.21
C ILE A 129 -8.53 5.36 10.53
N ILE A 130 -9.06 6.54 10.93
CA ILE A 130 -8.58 7.82 10.35
C ILE A 130 -7.08 7.99 10.59
N GLU A 131 -6.62 7.71 11.82
CA GLU A 131 -5.19 7.77 12.14
C GLU A 131 -4.33 6.89 11.18
N LEU A 132 -4.76 5.65 10.92
CA LEU A 132 -4.01 4.75 10.04
C LEU A 132 -4.02 5.17 8.59
N VAL A 133 -5.19 5.58 8.06
CA VAL A 133 -5.22 6.01 6.65
C VAL A 133 -4.46 7.34 6.49
N HIS A 134 -4.39 8.18 7.55
CA HIS A 134 -3.61 9.42 7.47
C HIS A 134 -2.10 9.04 7.40
N GLN A 135 -1.68 8.02 8.14
CA GLN A 135 -0.29 7.55 8.08
C GLN A 135 0.07 7.05 6.69
N VAL A 136 -0.85 6.31 6.07
CA VAL A 136 -0.66 5.87 4.67
C VAL A 136 -0.51 7.11 3.73
N SER A 137 -1.36 8.13 3.88
CA SER A 137 -1.26 9.35 3.07
C SER A 137 0.08 10.06 3.27
N MET A 138 0.67 10.01 4.49
CA MET A 138 1.99 10.61 4.71
C MET A 138 3.09 9.84 3.96
N GLY A 139 3.02 8.51 3.97
CA GLY A 139 3.98 7.70 3.23
C GLY A 139 3.84 7.94 1.73
N MET A 140 2.59 8.08 1.26
CA MET A 140 2.33 8.32 -0.18
C MET A 140 2.72 9.75 -0.60
N LYS A 141 2.56 10.72 0.32
CA LYS A 141 3.01 12.11 0.05
C LYS A 141 4.53 12.11 -0.20
N TYR A 142 5.28 11.33 0.59
CA TYR A 142 6.72 11.15 0.45
C TYR A 142 7.06 10.45 -0.88
N LEU A 143 6.32 9.38 -1.23
CA LEU A 143 6.58 8.66 -2.48
C LEU A 143 6.35 9.56 -3.68
N GLU A 144 5.31 10.41 -3.63
CA GLU A 144 4.96 11.38 -4.66
C GLU A 144 6.06 12.44 -4.78
N GLU A 145 6.53 12.94 -3.61
CA GLU A 145 7.62 13.92 -3.61
C GLU A 145 8.90 13.30 -4.20
N SER A 146 9.09 11.98 -3.99
CA SER A 146 10.24 11.21 -4.48
C SER A 146 10.10 10.75 -5.93
N ASN A 147 8.95 11.03 -6.57
CA ASN A 147 8.65 10.67 -7.95
C ASN A 147 8.71 9.16 -8.19
N PHE A 148 8.11 8.40 -7.28
CA PHE A 148 7.96 6.96 -7.45
C PHE A 148 6.47 6.72 -7.51
N VAL A 149 6.04 5.83 -8.39
CA VAL A 149 4.63 5.42 -8.40
C VAL A 149 4.57 4.02 -7.76
N HIS A 150 3.60 3.78 -6.88
CA HIS A 150 3.50 2.51 -6.15
C HIS A 150 2.92 1.40 -7.06
N ARG A 151 1.77 1.70 -7.67
CA ARG A 151 1.02 0.87 -8.64
C ARG A 151 0.36 -0.37 -8.04
N ASP A 152 0.30 -0.49 -6.73
CA ASP A 152 -0.41 -1.61 -6.09
C ASP A 152 -0.87 -1.18 -4.68
N LEU A 153 -1.42 0.03 -4.56
CA LEU A 153 -1.79 0.54 -3.24
C LEU A 153 -3.15 0.03 -2.86
N ALA A 154 -3.18 -0.87 -1.93
CA ALA A 154 -4.41 -1.54 -1.49
C ALA A 154 -4.26 -1.88 -0.01
N ALA A 155 -5.37 -2.15 0.71
CA ALA A 155 -5.28 -2.40 2.15
C ALA A 155 -4.48 -3.65 2.45
N ARG A 156 -4.48 -4.64 1.51
CA ARG A 156 -3.68 -5.88 1.71
C ARG A 156 -2.17 -5.57 1.72
N ASN A 157 -1.77 -4.43 1.16
CA ASN A 157 -0.37 -4.00 1.03
C ASN A 157 0.03 -2.95 2.06
N VAL A 158 -0.77 -2.76 3.10
CA VAL A 158 -0.44 -1.91 4.24
C VAL A 158 -0.23 -2.86 5.39
N LEU A 159 0.84 -2.69 6.17
CA LEU A 159 1.14 -3.57 7.29
C LEU A 159 1.09 -2.80 8.56
N LEU A 160 0.70 -3.47 9.62
CA LEU A 160 0.65 -2.79 10.93
C LEU A 160 1.80 -3.17 11.83
N VAL A 161 2.54 -2.15 12.30
CA VAL A 161 3.59 -2.27 13.31
C VAL A 161 2.88 -2.42 14.67
N THR A 162 1.89 -1.56 14.92
CA THR A 162 1.01 -1.60 16.08
C THR A 162 -0.42 -1.25 15.55
N GLN A 163 -1.42 -1.29 16.44
CA GLN A 163 -2.78 -0.89 16.07
C GLN A 163 -2.84 0.62 15.71
N HIS A 164 -1.78 1.40 16.01
CA HIS A 164 -1.72 2.84 15.76
C HIS A 164 -0.52 3.23 14.88
N TYR A 165 0.02 2.29 14.08
CA TYR A 165 1.18 2.57 13.25
C TYR A 165 1.15 1.66 12.01
N ALA A 166 0.83 2.25 10.87
CA ALA A 166 0.79 1.57 9.58
C ALA A 166 2.03 1.94 8.71
N LYS A 167 2.45 0.97 7.86
CA LYS A 167 3.54 1.16 6.91
C LYS A 167 3.10 0.56 5.60
N ILE A 168 3.44 1.22 4.51
CA ILE A 168 3.16 0.73 3.16
C ILE A 168 4.20 -0.30 2.76
N SER A 169 3.76 -1.40 2.16
CA SER A 169 4.66 -2.43 1.70
C SER A 169 4.42 -2.70 0.18
N ASP A 170 5.05 -3.75 -0.35
CA ASP A 170 4.77 -4.30 -1.67
C ASP A 170 5.09 -3.37 -2.82
N PHE A 171 6.39 -3.25 -3.07
CA PHE A 171 6.92 -2.40 -4.11
C PHE A 171 7.27 -3.18 -5.40
N GLY A 172 6.68 -4.35 -5.59
CA GLY A 172 6.93 -5.22 -6.74
C GLY A 172 6.51 -4.65 -8.07
N LEU A 173 5.48 -3.79 -8.09
CA LEU A 173 5.06 -3.14 -9.36
C LEU A 173 5.55 -1.67 -9.41
N SER A 174 6.23 -1.18 -8.37
CA SER A 174 6.64 0.22 -8.28
C SER A 174 7.68 0.65 -9.30
N LYS A 175 7.58 1.91 -9.71
CA LYS A 175 8.50 2.46 -10.68
C LYS A 175 9.03 3.82 -10.30
N ALA A 176 10.33 4.04 -10.54
CA ALA A 176 10.92 5.36 -10.37
C ALA A 176 10.63 6.10 -11.68
N LEU A 177 9.90 7.23 -11.60
CA LEU A 177 9.56 7.98 -12.80
C LEU A 177 10.81 8.59 -13.42
N ARG A 178 10.84 8.68 -14.75
CA ARG A 178 11.94 9.33 -15.45
C ARG A 178 11.96 10.81 -15.12
N ALA A 179 13.14 11.45 -15.19
CA ALA A 179 13.24 12.86 -14.88
C ALA A 179 12.36 13.77 -15.75
N ASP A 180 12.00 13.30 -16.95
CA ASP A 180 11.24 14.13 -17.89
C ASP A 180 9.80 13.73 -18.08
N GLU A 181 9.28 12.85 -17.23
CA GLU A 181 7.89 12.37 -17.35
C GLU A 181 7.25 12.28 -15.99
N ASN A 182 5.95 12.60 -15.95
CA ASN A 182 5.13 12.53 -14.73
C ASN A 182 4.37 11.20 -14.63
N TYR A 183 4.54 10.28 -15.58
CA TYR A 183 3.85 8.99 -15.55
C TYR A 183 4.74 7.88 -16.08
N TYR A 184 4.39 6.65 -15.73
CA TYR A 184 5.01 5.44 -16.23
C TYR A 184 4.01 4.81 -17.21
N LYS A 185 4.49 4.46 -18.41
CA LYS A 185 3.65 3.83 -19.44
C LYS A 185 3.92 2.33 -19.43
N ALA A 186 2.93 1.51 -19.08
CA ALA A 186 3.11 0.07 -19.09
C ALA A 186 3.03 -0.46 -20.51
N GLN A 187 3.87 -1.44 -20.84
CA GLN A 187 3.85 -2.08 -22.15
C GLN A 187 3.13 -3.39 -21.88
N THR A 188 1.84 -3.47 -22.26
CA THR A 188 0.92 -4.61 -22.03
C THR A 188 0.44 -4.66 -20.56
N HIS A 189 -0.69 -5.34 -20.30
CA HIS A 189 -1.25 -5.42 -18.96
C HIS A 189 -0.62 -6.53 -18.14
N LYS A 191 -1.27 -9.06 -15.17
CA LYS A 191 -1.74 -9.37 -13.82
C LYS A 191 -1.94 -8.06 -13.05
N TRP A 192 -3.10 -7.41 -13.27
CA TRP A 192 -3.36 -6.12 -12.63
C TRP A 192 -4.52 -6.11 -11.63
N PRO A 193 -4.35 -5.40 -10.51
CA PRO A 193 -5.47 -5.27 -9.55
C PRO A 193 -6.47 -4.18 -10.01
N VAL A 194 -7.22 -4.47 -11.07
CA VAL A 194 -8.16 -3.57 -11.75
C VAL A 194 -9.09 -2.79 -10.82
N LYS A 195 -9.62 -3.43 -9.77
CA LYS A 195 -10.53 -2.74 -8.85
C LYS A 195 -9.87 -1.58 -8.09
N TRP A 196 -8.53 -1.49 -8.11
CA TRP A 196 -7.83 -0.39 -7.46
C TRP A 196 -7.29 0.64 -8.48
N TYR A 197 -7.46 0.39 -9.77
CA TYR A 197 -6.86 1.22 -10.80
C TYR A 197 -7.74 2.35 -11.33
N ALA A 198 -7.10 3.49 -11.56
CA ALA A 198 -7.80 4.66 -12.08
C ALA A 198 -8.16 4.45 -13.55
N PRO A 199 -9.13 5.21 -14.08
CA PRO A 199 -9.49 5.05 -15.49
C PRO A 199 -8.35 5.23 -16.49
N GLU A 200 -7.42 6.17 -16.27
CA GLU A 200 -6.29 6.36 -17.19
C GLU A 200 -5.33 5.15 -17.19
N CYS A 201 -5.32 4.38 -16.10
CA CYS A 201 -4.49 3.16 -16.04
C CYS A 201 -5.10 2.12 -16.98
N ILE A 202 -6.41 1.95 -16.87
CA ILE A 202 -7.14 0.98 -17.66
C ILE A 202 -7.18 1.37 -19.12
N ASN A 203 -7.42 2.65 -19.40
CA ASN A 203 -7.63 3.11 -20.77
C ASN A 203 -6.37 3.52 -21.53
N TYR A 204 -5.33 3.99 -20.84
CA TYR A 204 -4.11 4.45 -21.50
C TYR A 204 -2.82 3.76 -21.00
N TYR A 205 -2.95 2.88 -19.98
CA TYR A 205 -1.79 2.22 -19.37
C TYR A 205 -0.84 3.26 -18.75
N LYS A 206 -1.37 4.41 -18.30
CA LYS A 206 -0.54 5.48 -17.75
C LYS A 206 -0.69 5.55 -16.24
N PHE A 207 0.43 5.42 -15.53
CA PHE A 207 0.46 5.36 -14.06
C PHE A 207 1.25 6.53 -13.49
N SER A 208 0.60 7.35 -12.67
CA SER A 208 1.20 8.54 -12.07
C SER A 208 0.90 8.52 -10.55
N SER A 209 1.41 9.52 -9.82
CA SER A 209 1.06 9.65 -8.40
C SER A 209 -0.46 9.89 -8.26
N LYS A 210 -1.07 10.59 -9.24
CA LYS A 210 -2.52 10.77 -9.24
C LYS A 210 -3.25 9.44 -9.42
N SER A 211 -2.68 8.49 -10.18
CA SER A 211 -3.28 7.13 -10.28
C SER A 211 -3.21 6.46 -8.90
N ASP A 212 -2.10 6.62 -8.17
CA ASP A 212 -2.02 6.10 -6.79
C ASP A 212 -3.07 6.75 -5.88
N VAL A 213 -3.41 8.06 -6.10
CA VAL A 213 -4.46 8.72 -5.29
C VAL A 213 -5.78 7.99 -5.46
N TRP A 214 -6.11 7.58 -6.71
CA TRP A 214 -7.34 6.82 -6.95
C TRP A 214 -7.32 5.52 -6.15
N SER A 215 -6.18 4.79 -6.20
CA SER A 215 -6.06 3.55 -5.42
C SER A 215 -6.21 3.81 -3.94
N PHE A 216 -5.67 4.94 -3.46
CA PHE A 216 -5.76 5.37 -2.06
C PHE A 216 -7.23 5.57 -1.65
N GLY A 217 -8.07 6.07 -2.56
CA GLY A 217 -9.51 6.20 -2.29
C GLY A 217 -10.15 4.83 -2.04
N VAL A 218 -9.77 3.84 -2.87
CA VAL A 218 -10.26 2.47 -2.72
C VAL A 218 -9.72 1.87 -1.40
N LEU A 219 -8.44 2.14 -1.05
CA LEU A 219 -7.86 1.70 0.22
C LEU A 219 -8.63 2.31 1.42
N MET A 220 -9.00 3.60 1.35
CA MET A 220 -9.81 4.23 2.42
C MET A 220 -11.17 3.50 2.56
N TRP A 221 -11.82 3.18 1.43
CA TRP A 221 -13.11 2.48 1.45
C TRP A 221 -12.92 1.11 2.13
N GLU A 222 -11.85 0.40 1.78
CA GLU A 222 -11.54 -0.90 2.40
C GLU A 222 -11.36 -0.77 3.90
N ALA A 223 -10.60 0.22 4.33
CA ALA A 223 -10.32 0.42 5.75
C ALA A 223 -11.58 0.77 6.54
N PHE A 224 -12.38 1.73 6.04
CA PHE A 224 -13.64 2.08 6.73
C PHE A 224 -14.68 0.93 6.65
N SER A 225 -14.50 -0.02 5.72
CA SER A 225 -15.37 -1.20 5.62
C SER A 225 -14.76 -2.43 6.34
N TYR A 226 -13.76 -2.21 7.23
CA TYR A 226 -13.10 -3.22 8.03
C TYR A 226 -12.58 -4.39 7.20
N GLY A 227 -11.91 -4.06 6.11
CA GLY A 227 -11.26 -5.07 5.29
C GLY A 227 -12.14 -5.79 4.29
N GLN A 228 -13.35 -5.27 4.01
CA GLN A 228 -14.19 -5.89 2.99
C GLN A 228 -13.59 -5.62 1.62
N LYS A 229 -13.81 -6.54 0.68
CA LYS A 229 -13.30 -6.36 -0.68
C LYS A 229 -14.15 -5.30 -1.40
N PRO A 230 -13.53 -4.44 -2.22
CA PRO A 230 -14.32 -3.43 -2.93
C PRO A 230 -15.03 -4.02 -4.15
N TYR A 231 -16.14 -3.37 -4.60
CA TYR A 231 -16.90 -3.81 -5.78
C TYR A 231 -17.30 -5.27 -5.68
N ARG A 232 -17.81 -5.63 -4.50
CA ARG A 232 -18.24 -7.00 -4.19
C ARG A 232 -19.06 -7.63 -5.31
N GLY A 233 -18.65 -8.83 -5.71
CA GLY A 233 -19.33 -9.65 -6.69
C GLY A 233 -19.28 -9.18 -8.13
N MET A 234 -18.45 -8.18 -8.42
CA MET A 234 -18.37 -7.63 -9.76
C MET A 234 -17.12 -8.03 -10.50
N LYS A 235 -17.26 -8.27 -11.80
CA LYS A 235 -16.09 -8.53 -12.65
C LYS A 235 -15.43 -7.17 -12.95
N GLY A 236 -14.16 -7.21 -13.35
CA GLY A 236 -13.41 -6.01 -13.69
C GLY A 236 -14.08 -5.17 -14.76
N SER A 237 -14.66 -5.83 -15.79
CA SER A 237 -15.36 -5.10 -16.84
C SER A 237 -16.61 -4.42 -16.35
N GLU A 238 -17.31 -5.03 -15.37
CA GLU A 238 -18.49 -4.42 -14.77
C GLU A 238 -18.08 -3.21 -13.88
N VAL A 239 -16.88 -3.25 -13.27
CA VAL A 239 -16.38 -2.12 -12.48
C VAL A 239 -16.11 -0.94 -13.42
N THR A 240 -15.46 -1.22 -14.57
CA THR A 240 -15.21 -0.21 -15.59
C THR A 240 -16.50 0.43 -16.07
N ALA A 241 -17.54 -0.40 -16.35
CA ALA A 241 -18.85 0.06 -16.77
C ALA A 241 -19.50 0.94 -15.71
N MET A 242 -19.42 0.53 -14.42
CA MET A 242 -19.99 1.28 -13.31
C MET A 242 -19.33 2.66 -13.24
N LEU A 243 -18.00 2.70 -13.28
CA LEU A 243 -17.28 3.98 -13.16
C LEU A 243 -17.55 4.88 -14.31
N GLU A 244 -17.70 4.31 -15.53
CA GLU A 244 -18.01 5.09 -16.71
C GLU A 244 -19.40 5.73 -16.67
N LYS A 245 -20.36 5.11 -15.96
CA LYS A 245 -21.68 5.71 -15.74
C LYS A 245 -21.62 6.83 -14.65
N GLY A 246 -20.43 7.09 -14.07
CA GLY A 246 -20.26 8.06 -13.00
C GLY A 246 -20.62 7.53 -11.62
N GLU A 247 -20.88 6.22 -11.50
CA GLU A 247 -21.22 5.60 -10.23
C GLU A 247 -19.99 5.28 -9.41
N ARG A 248 -20.13 5.39 -8.09
CA ARG A 248 -19.04 5.13 -7.15
C ARG A 248 -19.58 4.32 -5.97
N MET A 249 -18.69 3.57 -5.28
CA MET A 249 -19.10 2.78 -4.11
C MET A 249 -19.74 3.66 -3.06
N GLY A 250 -20.70 3.08 -2.37
CA GLY A 250 -21.43 3.77 -1.31
C GLY A 250 -20.59 4.00 -0.06
N CYS A 251 -21.15 4.78 0.85
CA CYS A 251 -20.48 5.11 2.10
C CYS A 251 -20.52 3.92 3.06
N PRO A 252 -19.35 3.43 3.52
CA PRO A 252 -19.39 2.32 4.49
C PRO A 252 -20.13 2.70 5.78
N ALA A 253 -20.72 1.70 6.46
CA ALA A 253 -21.41 1.93 7.73
C ALA A 253 -20.48 2.58 8.77
N GLY A 254 -20.93 3.68 9.36
CA GLY A 254 -20.17 4.40 10.37
C GLY A 254 -19.06 5.29 9.87
N CYS A 255 -18.85 5.35 8.54
CA CYS A 255 -17.80 6.19 7.97
C CYS A 255 -18.25 7.64 8.01
N PRO A 256 -17.47 8.56 8.60
CA PRO A 256 -17.91 9.97 8.62
C PRO A 256 -18.07 10.55 7.23
N ARG A 257 -18.98 11.52 7.08
CA ARG A 257 -19.23 12.18 5.81
C ARG A 257 -17.97 12.79 5.20
N GLU A 258 -17.13 13.40 6.04
CA GLU A 258 -15.89 14.04 5.58
C GLU A 258 -14.92 13.04 4.92
N MET A 259 -14.90 11.80 5.43
CA MET A 259 -14.03 10.76 4.91
C MET A 259 -14.60 10.17 3.63
N TYR A 260 -15.93 10.04 3.55
CA TYR A 260 -16.55 9.58 2.30
C TYR A 260 -16.38 10.65 1.19
N ASP A 261 -16.43 11.93 1.56
CA ASP A 261 -16.23 13.02 0.61
C ASP A 261 -14.80 12.96 0.04
N LEU A 262 -13.82 12.67 0.92
CA LEU A 262 -12.42 12.54 0.53
C LEU A 262 -12.21 11.35 -0.42
N MET A 263 -12.85 10.20 -0.15
CA MET A 263 -12.85 9.02 -1.04
C MET A 263 -13.35 9.41 -2.41
N ASN A 264 -14.47 10.16 -2.47
CA ASN A 264 -15.02 10.59 -3.74
C ASN A 264 -14.11 11.56 -4.48
N LEU A 265 -13.41 12.43 -3.77
CA LEU A 265 -12.44 13.34 -4.41
C LEU A 265 -11.25 12.52 -4.99
N CYS A 266 -10.84 11.44 -4.29
CA CYS A 266 -9.77 10.57 -4.84
C CYS A 266 -10.26 9.91 -6.13
N TRP A 267 -11.57 9.60 -6.21
CA TRP A 267 -12.15 8.95 -7.39
C TRP A 267 -12.61 9.96 -8.44
N THR A 268 -11.85 11.04 -8.63
CA THR A 268 -12.14 12.02 -9.68
C THR A 268 -11.70 11.39 -10.98
N TYR A 269 -12.61 11.27 -11.92
CA TYR A 269 -12.35 10.61 -13.19
C TYR A 269 -11.18 11.23 -13.95
N ASP A 270 -11.24 12.54 -14.19
CA ASP A 270 -10.17 13.19 -14.94
C ASP A 270 -8.94 13.41 -14.04
N VAL A 271 -7.80 12.79 -14.44
CA VAL A 271 -6.49 12.85 -13.75
C VAL A 271 -6.13 14.28 -13.41
N GLU A 272 -6.32 15.21 -14.36
CA GLU A 272 -5.94 16.60 -14.18
C GLU A 272 -6.62 17.26 -12.99
N ASN A 273 -7.91 16.98 -12.78
CA ASN A 273 -8.67 17.55 -11.69
C ASN A 273 -8.63 16.73 -10.39
N ARG A 274 -8.00 15.53 -10.41
CA ARG A 274 -7.89 14.71 -9.19
C ARG A 274 -6.80 15.33 -8.31
N PRO A 275 -6.99 15.39 -6.98
CA PRO A 275 -5.94 15.97 -6.12
C PRO A 275 -4.71 15.07 -6.03
N GLY A 276 -3.58 15.66 -5.69
CA GLY A 276 -2.36 14.92 -5.42
C GLY A 276 -2.26 14.58 -3.93
N PHE A 277 -1.23 13.82 -3.52
CA PHE A 277 -1.10 13.40 -2.11
C PHE A 277 -0.83 14.54 -1.15
N ALA A 278 -0.19 15.65 -1.59
CA ALA A 278 -0.04 16.79 -0.66
C ALA A 278 -1.43 17.32 -0.20
N ALA A 279 -2.40 17.48 -1.12
CA ALA A 279 -3.73 17.94 -0.76
C ALA A 279 -4.52 16.89 0.04
N VAL A 280 -4.40 15.61 -0.35
CA VAL A 280 -5.10 14.52 0.35
C VAL A 280 -4.61 14.39 1.79
N GLU A 281 -3.27 14.37 1.98
CA GLU A 281 -2.69 14.25 3.32
C GLU A 281 -3.10 15.42 4.20
N LEU A 282 -3.14 16.65 3.63
CA LEU A 282 -3.55 17.83 4.40
C LEU A 282 -5.00 17.72 4.87
N ARG A 283 -5.90 17.26 4.00
CA ARG A 283 -7.31 17.09 4.35
C ARG A 283 -7.46 16.09 5.49
N LEU A 284 -6.75 14.95 5.39
CA LEU A 284 -6.77 13.90 6.39
C LEU A 284 -6.16 14.35 7.71
N ARG A 285 -5.06 15.10 7.64
CA ARG A 285 -4.37 15.61 8.82
C ARG A 285 -5.30 16.51 9.63
N ASN A 286 -5.95 17.47 8.94
CA ASN A 286 -6.84 18.41 9.59
C ASN A 286 -8.06 17.74 10.17
N TYR A 287 -8.66 16.79 9.43
CA TYR A 287 -9.84 16.08 9.94
C TYR A 287 -9.46 15.23 11.16
N TYR A 288 -8.28 14.60 11.10
CA TYR A 288 -7.81 13.76 12.20
C TYR A 288 -7.64 14.62 13.48
N TYR A 289 -7.10 15.86 13.35
CA TYR A 289 -6.97 16.74 14.52
C TYR A 289 -8.31 17.19 15.07
N ASP A 290 -9.30 17.38 14.18
CA ASP A 290 -10.66 17.75 14.59
C ASP A 290 -11.27 16.62 15.42
N VAL A 291 -11.09 15.35 14.99
CA VAL A 291 -11.62 14.21 15.72
C VAL A 291 -10.87 14.00 17.04
N VAL A 292 -9.56 14.22 17.06
CA VAL A 292 -8.76 14.13 18.29
C VAL A 292 -9.25 15.17 19.30
N ASN A 293 -9.63 16.38 18.83
CA ASN A 293 -10.15 17.49 19.64
C ASN A 293 -11.56 17.19 20.15
N HIS A 294 -12.41 16.61 19.31
CA HIS A 294 -13.77 16.25 19.71
C HIS A 294 -13.74 15.18 20.80
N HIS A 295 -12.81 14.21 20.68
CA HIS A 295 -12.67 13.16 21.67
C HIS A 295 -11.99 13.68 22.93
#